data_1I7E
#
_entry.id   1I7E
#
_cell.length_a   43.102
_cell.length_b   51.469
_cell.length_c   120.834
_cell.angle_alpha   90.00
_cell.angle_beta   90.00
_cell.angle_gamma   90.00
#
_symmetry.space_group_name_H-M   'P 21 21 21'
#
loop_
_entity.id
_entity.type
_entity.pdbx_description
1 polymer 'TUBBY PROTEIN'
2 non-polymer L-ALPHA-GLYCEROPHOSPHO-D-MYO-INOSITOL-4,5-BIS-PHOSPHATE
3 water water
#
_entity_poly.entity_id   1
_entity_poly.type   'polypeptide(L)'
_entity_poly.pdbx_seq_one_letter_code
;GSVDIEVQDLEEFALRPAPQGITIKCRITRDKKGMDRGMFPTYFLHLDREDGKKVFLLAGRKRKKSKTSNYLISVDPTDL
SRGGDSYIGKLRSNLMGTKFTVYDNGVNPQKASSSTLESGTLRQELAAVCYETNVLGFKGPRKMSVIVPGMNMVHERVCI
RPRNEHETLLARWQNKNTESIIELQNKTPVWNDDTESYVLNFHGRVTQASVKNFQIIHGNDPDYIVMQFGRVAEDVFTMD
YNYPLCALQAFAIALSSFDSKLACE
;
_entity_poly.pdbx_strand_id   A
#
loop_
_chem_comp.id
_chem_comp.type
_chem_comp.name
_chem_comp.formula
IBS non-polymer L-ALPHA-GLYCEROPHOSPHO-D-MYO-INOSITOL-4,5-BIS-PHOSPHATE 'C9 H19 O17 P3'
#
# COMPACT_ATOMS: atom_id res chain seq x y z
N ASP A 4 15.22 -16.82 1.23
CA ASP A 4 15.04 -16.42 2.66
C ASP A 4 15.26 -14.91 2.85
N ILE A 5 14.55 -14.11 2.06
CA ILE A 5 14.67 -12.66 2.13
C ILE A 5 15.00 -12.18 3.55
N GLU A 6 16.10 -11.46 3.66
CA GLU A 6 16.58 -10.95 4.94
C GLU A 6 15.81 -9.78 5.53
N VAL A 7 15.52 -9.88 6.81
CA VAL A 7 14.80 -8.84 7.54
C VAL A 7 15.59 -8.56 8.81
N GLN A 8 16.36 -7.48 8.81
CA GLN A 8 17.15 -7.09 9.97
C GLN A 8 16.63 -5.78 10.55
N ASP A 9 16.76 -4.71 9.78
CA ASP A 9 16.26 -3.42 10.21
C ASP A 9 14.83 -3.37 9.67
N LEU A 10 13.87 -3.35 10.59
CA LEU A 10 12.45 -3.31 10.25
C LEU A 10 12.04 -2.07 9.46
N GLU A 11 12.64 -0.94 9.80
CA GLU A 11 12.34 0.30 9.11
C GLU A 11 12.94 0.28 7.71
N GLU A 12 14.17 -0.19 7.59
CA GLU A 12 14.84 -0.28 6.30
C GLU A 12 14.13 -1.29 5.42
N PHE A 13 13.62 -2.37 6.02
CA PHE A 13 12.91 -3.38 5.26
C PHE A 13 11.61 -2.82 4.74
N ALA A 14 10.89 -2.12 5.62
CA ALA A 14 9.62 -1.52 5.29
C ALA A 14 9.69 -0.66 4.04
N LEU A 15 10.76 0.12 3.93
CA LEU A 15 10.94 1.02 2.80
C LEU A 15 11.64 0.45 1.59
N ARG A 16 12.14 -0.77 1.72
CA ARG A 16 12.88 -1.44 0.64
C ARG A 16 12.03 -2.09 -0.47
N PRO A 17 12.09 -1.55 -1.70
CA PRO A 17 11.30 -2.12 -2.81
C PRO A 17 11.52 -3.62 -2.95
N ALA A 18 10.52 -4.33 -3.44
CA ALA A 18 10.65 -5.78 -3.63
C ALA A 18 11.69 -6.00 -4.70
N PRO A 19 12.59 -6.99 -4.52
CA PRO A 19 13.63 -7.27 -5.51
C PRO A 19 13.10 -7.86 -6.81
N GLN A 20 13.93 -7.73 -7.84
CA GLN A 20 13.68 -8.23 -9.19
C GLN A 20 12.61 -9.29 -9.39
N GLY A 21 13.02 -10.57 -9.37
CA GLY A 21 12.05 -11.64 -9.58
C GLY A 21 11.76 -12.34 -8.27
N ILE A 22 11.48 -11.54 -7.26
CA ILE A 22 11.19 -12.07 -5.93
C ILE A 22 9.90 -11.52 -5.37
N THR A 23 9.03 -12.43 -4.92
CA THR A 23 7.76 -12.04 -4.35
C THR A 23 7.86 -12.17 -2.83
N ILE A 24 7.55 -11.09 -2.13
CA ILE A 24 7.60 -11.13 -0.68
C ILE A 24 6.18 -11.44 -0.26
N LYS A 25 6.03 -12.55 0.44
CA LYS A 25 4.73 -13.00 0.91
C LYS A 25 4.59 -12.76 2.40
N CYS A 26 3.48 -12.12 2.76
CA CYS A 26 3.17 -11.76 4.14
C CYS A 26 1.76 -12.18 4.55
N ARG A 27 1.42 -11.87 5.79
CA ARG A 27 0.10 -12.17 6.32
C ARG A 27 -0.27 -11.07 7.31
N ILE A 28 -1.43 -10.48 7.10
CA ILE A 28 -1.92 -9.44 8.01
C ILE A 28 -2.89 -10.13 8.97
N THR A 29 -2.71 -9.86 10.25
CA THR A 29 -3.57 -10.46 11.26
C THR A 29 -4.26 -9.33 12.00
N ARG A 30 -5.58 -9.46 12.19
CA ARG A 30 -6.28 -8.41 12.87
C ARG A 30 -6.60 -8.59 14.35
N ASP A 31 -5.89 -7.81 15.16
CA ASP A 31 -6.05 -7.76 16.63
C ASP A 31 -5.72 -8.75 17.76
N LYS A 32 -6.01 -8.22 18.96
CA LYS A 32 -5.87 -8.85 20.25
C LYS A 32 -6.01 -7.75 21.30
N GLY A 38 -14.96 1.08 22.28
CA GLY A 38 -14.55 1.94 21.14
C GLY A 38 -13.22 1.54 20.53
N MET A 39 -12.14 1.87 21.25
CA MET A 39 -10.75 1.57 20.83
C MET A 39 -10.59 0.78 19.54
N PHE A 40 -9.75 1.30 18.64
CA PHE A 40 -9.50 0.72 17.32
C PHE A 40 -8.68 -0.56 17.18
N PRO A 41 -8.94 -1.31 16.07
CA PRO A 41 -8.25 -2.57 15.73
C PRO A 41 -6.79 -2.32 15.42
N THR A 42 -5.95 -3.31 15.73
CA THR A 42 -4.53 -3.22 15.46
C THR A 42 -4.18 -4.32 14.47
N TYR A 43 -3.69 -3.93 13.28
CA TYR A 43 -3.33 -4.91 12.28
C TYR A 43 -1.83 -5.20 12.33
N PHE A 44 -1.48 -6.48 12.31
CA PHE A 44 -0.08 -6.87 12.35
C PHE A 44 0.35 -7.51 11.04
N LEU A 45 1.49 -7.07 10.52
CA LEU A 45 2.02 -7.62 9.29
C LEU A 45 3.21 -8.50 9.65
N HIS A 46 3.19 -9.73 9.17
CA HIS A 46 4.26 -10.69 9.42
C HIS A 46 4.74 -11.26 8.12
N LEU A 47 6.03 -11.53 8.04
CA LEU A 47 6.59 -12.11 6.83
C LEU A 47 6.32 -13.61 6.94
N ASP A 48 5.74 -14.18 5.89
CA ASP A 48 5.43 -15.61 5.87
C ASP A 48 6.61 -16.44 5.36
N ARG A 49 7.61 -16.67 6.21
CA ARG A 49 8.78 -17.47 5.84
C ARG A 49 8.22 -18.78 5.25
N GLU A 50 8.78 -19.24 4.15
CA GLU A 50 8.33 -20.48 3.51
C GLU A 50 8.75 -21.73 4.30
N ASP A 51 9.38 -21.52 5.46
CA ASP A 51 9.81 -22.64 6.27
C ASP A 51 8.87 -22.84 7.47
N GLY A 52 7.89 -21.95 7.63
CA GLY A 52 6.94 -22.10 8.72
C GLY A 52 6.87 -21.07 9.83
N LYS A 53 7.83 -20.15 9.90
CA LYS A 53 7.82 -19.13 10.94
C LYS A 53 7.45 -17.76 10.42
N LYS A 54 6.88 -16.94 11.31
CA LYS A 54 6.48 -15.59 10.96
C LYS A 54 7.42 -14.58 11.58
N VAL A 55 7.74 -13.56 10.80
CA VAL A 55 8.63 -12.49 11.24
C VAL A 55 7.84 -11.18 11.24
N PHE A 56 7.64 -10.59 12.41
CA PHE A 56 6.91 -9.32 12.49
C PHE A 56 7.57 -8.28 11.59
N LEU A 57 6.77 -7.48 10.90
CA LEU A 57 7.29 -6.44 10.01
C LEU A 57 6.77 -5.06 10.39
N LEU A 58 5.45 -4.95 10.48
CA LEU A 58 4.81 -3.69 10.82
C LEU A 58 3.50 -3.87 11.59
N ALA A 59 3.12 -2.83 12.31
CA ALA A 59 1.88 -2.80 13.06
C ALA A 59 1.20 -1.51 12.61
N GLY A 60 -0.10 -1.60 12.32
CA GLY A 60 -0.84 -0.43 11.89
C GLY A 60 -2.09 -0.28 12.72
N ARG A 61 -2.41 0.94 13.13
CA ARG A 61 -3.59 1.18 13.93
C ARG A 61 -4.18 2.58 13.77
N LYS A 62 -5.50 2.59 13.60
CA LYS A 62 -6.25 3.82 13.42
C LYS A 62 -6.20 4.61 14.73
N ARG A 63 -6.14 5.93 14.62
CA ARG A 63 -6.11 6.81 15.79
C ARG A 63 -6.44 8.26 15.43
N ASN A 70 -6.60 8.62 11.39
CA ASN A 70 -5.59 8.11 10.41
C ASN A 70 -4.84 6.93 11.01
N TYR A 71 -4.48 5.97 10.18
CA TYR A 71 -3.74 4.81 10.66
C TYR A 71 -2.27 5.18 10.81
N LEU A 72 -1.67 4.78 11.93
CA LEU A 72 -0.25 5.00 12.12
C LEU A 72 0.41 3.64 11.96
N ILE A 73 1.41 3.58 11.09
CA ILE A 73 2.12 2.34 10.82
C ILE A 73 3.48 2.43 11.47
N SER A 74 3.73 1.51 12.39
CA SER A 74 4.98 1.50 13.13
C SER A 74 5.69 0.15 13.15
N VAL A 75 6.98 0.19 13.42
CA VAL A 75 7.80 -1.00 13.51
C VAL A 75 7.94 -1.33 14.98
N ASP A 76 7.13 -0.68 15.82
CA ASP A 76 7.15 -0.87 17.26
C ASP A 76 5.76 -1.17 17.82
N PRO A 77 5.35 -2.46 17.79
CA PRO A 77 4.07 -2.98 18.25
C PRO A 77 3.65 -2.52 19.65
N THR A 78 4.56 -2.61 20.61
CA THR A 78 4.28 -2.20 21.99
C THR A 78 4.25 -0.67 22.10
N GLY A 84 0.61 3.92 19.07
CA GLY A 84 0.50 5.17 19.88
C GLY A 84 0.54 6.42 19.02
N ASP A 85 1.77 6.79 18.59
CA ASP A 85 1.99 7.92 17.71
C ASP A 85 3.41 7.97 17.17
N SER A 86 4.19 6.94 17.48
CA SER A 86 5.54 6.84 16.94
C SER A 86 5.25 6.00 15.70
N TYR A 87 5.81 6.41 14.56
CA TYR A 87 5.53 5.71 13.30
C TYR A 87 6.57 6.01 12.22
N ILE A 88 6.54 5.20 11.17
CA ILE A 88 7.42 5.42 10.04
C ILE A 88 6.49 5.70 8.86
N GLY A 89 5.22 5.34 9.03
CA GLY A 89 4.26 5.56 7.99
C GLY A 89 2.96 6.06 8.54
N LYS A 90 2.21 6.82 7.70
CA LYS A 90 0.94 7.35 8.11
C LYS A 90 -0.06 7.33 6.97
N LEU A 91 -1.27 6.89 7.29
CA LEU A 91 -2.35 6.77 6.30
C LEU A 91 -3.48 7.75 6.53
N ARG A 92 -3.60 8.72 5.62
CA ARG A 92 -4.64 9.75 5.65
C ARG A 92 -5.78 9.45 4.68
N SER A 93 -7.01 9.53 5.18
CA SER A 93 -8.18 9.28 4.37
C SER A 93 -8.98 10.56 4.23
N ASN A 94 -9.87 10.62 3.25
CA ASN A 94 -10.73 11.79 3.08
C ASN A 94 -12.00 11.44 3.85
N LEU A 95 -12.89 12.41 4.01
CA LEU A 95 -14.12 12.16 4.75
C LEU A 95 -14.87 10.95 4.17
N MET A 96 -14.94 10.89 2.84
CA MET A 96 -15.63 9.83 2.12
C MET A 96 -15.04 8.43 2.19
N GLY A 97 -13.73 8.34 2.37
CA GLY A 97 -13.08 7.04 2.43
C GLY A 97 -12.83 6.52 1.02
N THR A 98 -12.58 7.44 0.10
CA THR A 98 -12.34 7.10 -1.31
C THR A 98 -10.97 7.58 -1.80
N LYS A 99 -10.35 8.45 -1.03
CA LYS A 99 -9.06 9.02 -1.35
C LYS A 99 -8.10 8.86 -0.18
N PHE A 100 -7.04 8.10 -0.38
CA PHE A 100 -6.06 7.86 0.67
C PHE A 100 -4.65 8.26 0.26
N THR A 101 -3.87 8.73 1.23
CA THR A 101 -2.48 9.09 0.99
C THR A 101 -1.62 8.53 2.12
N VAL A 102 -0.51 7.90 1.74
CA VAL A 102 0.43 7.34 2.71
C VAL A 102 1.63 8.29 2.80
N TYR A 103 1.98 8.73 3.99
CA TYR A 103 3.12 9.62 4.17
C TYR A 103 4.17 8.91 4.99
N ASP A 104 5.42 9.38 4.95
CA ASP A 104 6.43 8.78 5.80
C ASP A 104 6.38 9.63 7.08
N ASN A 105 7.38 9.54 7.96
CA ASN A 105 7.32 10.34 9.19
C ASN A 105 8.05 11.68 9.10
N GLY A 106 8.15 12.24 7.89
CA GLY A 106 8.82 13.53 7.70
C GLY A 106 7.92 14.70 8.08
N VAL A 107 8.42 15.93 7.91
CA VAL A 107 7.67 17.13 8.27
C VAL A 107 6.61 17.63 7.32
N ASN A 108 5.40 17.83 7.86
CA ASN A 108 4.26 18.34 7.11
C ASN A 108 4.64 19.70 6.58
N PRO A 109 4.64 19.88 5.25
CA PRO A 109 4.99 21.16 4.63
C PRO A 109 4.22 22.38 5.14
N GLN A 110 2.98 22.16 5.57
CA GLN A 110 2.17 23.25 6.12
C GLN A 110 2.67 23.76 7.46
N LYS A 111 3.37 22.91 8.21
CA LYS A 111 3.89 23.26 9.53
C LYS A 111 5.39 23.53 9.50
N ALA A 112 5.97 23.35 8.32
CA ALA A 112 7.40 23.52 8.10
C ALA A 112 7.98 24.91 8.36
N SER A 113 9.20 24.92 8.91
CA SER A 113 9.93 26.15 9.19
C SER A 113 10.74 26.52 7.96
N SER A 114 11.13 27.78 7.84
CA SER A 114 11.92 28.23 6.70
C SER A 114 13.14 27.33 6.51
N SER A 115 13.81 27.01 7.61
CA SER A 115 14.98 26.16 7.56
C SER A 115 14.70 24.80 6.92
N THR A 116 13.58 24.18 7.28
CA THR A 116 13.20 22.88 6.74
C THR A 116 12.85 22.95 5.27
N LEU A 117 11.93 23.86 4.95
CA LEU A 117 11.46 24.03 3.60
C LEU A 117 12.57 24.04 2.54
N GLU A 118 13.50 24.98 2.63
CA GLU A 118 14.55 25.07 1.63
C GLU A 118 15.98 24.71 2.08
N SER A 119 16.16 23.70 2.92
CA SER A 119 17.52 23.37 3.35
C SER A 119 17.75 21.89 3.64
N GLY A 120 16.74 21.26 4.23
CA GLY A 120 16.77 19.84 4.54
C GLY A 120 15.44 19.38 3.98
N THR A 121 14.68 18.54 4.70
CA THR A 121 13.41 18.21 4.08
C THR A 121 12.17 17.69 4.78
N LEU A 122 11.10 17.88 4.01
CA LEU A 122 9.72 17.56 4.32
C LEU A 122 9.32 16.11 4.18
N ARG A 123 8.03 15.94 4.42
CA ARG A 123 7.32 14.68 4.37
C ARG A 123 7.26 14.17 2.94
N GLN A 124 7.38 12.87 2.79
CA GLN A 124 7.31 12.22 1.50
C GLN A 124 5.94 11.57 1.35
N GLU A 125 5.52 11.37 0.11
CA GLU A 125 4.26 10.68 -0.16
C GLU A 125 4.70 9.36 -0.79
N LEU A 126 4.42 8.27 -0.08
CA LEU A 126 4.81 6.94 -0.52
C LEU A 126 3.76 6.27 -1.39
N ALA A 127 2.51 6.67 -1.24
CA ALA A 127 1.43 6.11 -2.05
C ALA A 127 0.14 6.90 -1.87
N ALA A 128 -0.78 6.68 -2.80
CA ALA A 128 -2.08 7.31 -2.80
C ALA A 128 -3.05 6.31 -3.44
N VAL A 129 -4.26 6.21 -2.89
CA VAL A 129 -5.24 5.27 -3.42
C VAL A 129 -6.57 6.00 -3.65
N CYS A 130 -7.22 5.68 -4.77
CA CYS A 130 -8.53 6.24 -5.08
C CYS A 130 -9.47 5.09 -5.44
N TYR A 131 -10.55 4.97 -4.69
CA TYR A 131 -11.55 3.93 -4.97
C TYR A 131 -12.67 4.65 -5.69
N GLU A 132 -12.76 4.47 -7.01
CA GLU A 132 -13.80 5.13 -7.78
C GLU A 132 -15.22 4.68 -7.45
N LYS A 139 -21.13 0.53 -15.41
CA LYS A 139 -21.79 -0.69 -14.84
C LYS A 139 -20.79 -1.72 -14.30
N GLY A 140 -19.81 -2.10 -15.12
CA GLY A 140 -18.81 -3.09 -14.72
C GLY A 140 -18.20 -2.98 -13.34
N PRO A 141 -17.19 -3.83 -13.05
CA PRO A 141 -16.51 -3.85 -11.75
C PRO A 141 -15.87 -2.50 -11.43
N ARG A 142 -15.93 -2.11 -10.16
CA ARG A 142 -15.38 -0.83 -9.71
C ARG A 142 -13.86 -0.73 -9.82
N LYS A 143 -13.39 0.49 -10.05
CA LYS A 143 -11.97 0.73 -10.20
C LYS A 143 -11.29 1.15 -8.91
N MET A 144 -9.98 0.91 -8.86
CA MET A 144 -9.13 1.24 -7.73
C MET A 144 -7.82 1.73 -8.32
N SER A 145 -7.45 2.97 -8.02
CA SER A 145 -6.20 3.55 -8.54
C SER A 145 -5.13 3.69 -7.47
N VAL A 146 -3.96 3.12 -7.72
CA VAL A 146 -2.84 3.19 -6.79
C VAL A 146 -1.71 3.97 -7.43
N ILE A 147 -1.38 5.12 -6.84
CA ILE A 147 -0.30 5.97 -7.36
C ILE A 147 0.91 5.92 -6.42
N VAL A 148 2.07 5.59 -6.96
CA VAL A 148 3.27 5.54 -6.15
C VAL A 148 4.35 6.38 -6.78
N PRO A 149 5.43 6.63 -6.04
CA PRO A 149 6.53 7.43 -6.59
C PRO A 149 7.22 6.63 -7.69
N GLY A 150 7.70 7.33 -8.71
CA GLY A 150 8.40 6.67 -9.79
C GLY A 150 9.73 6.14 -9.30
N MET A 151 10.35 5.27 -10.09
CA MET A 151 11.65 4.71 -9.73
C MET A 151 12.70 5.34 -10.66
N ASN A 152 13.93 5.44 -10.17
CA ASN A 152 14.98 6.02 -11.00
C ASN A 152 15.65 4.93 -11.82
N MET A 153 16.75 5.28 -12.48
CA MET A 153 17.50 4.33 -13.31
C MET A 153 18.17 3.24 -12.47
N VAL A 154 18.38 3.52 -11.19
CA VAL A 154 18.99 2.57 -10.28
C VAL A 154 17.86 1.80 -9.59
N HIS A 155 16.64 2.04 -10.08
CA HIS A 155 15.44 1.40 -9.57
C HIS A 155 15.17 1.64 -8.09
N GLU A 156 15.31 2.90 -7.67
CA GLU A 156 15.07 3.31 -6.29
C GLU A 156 14.07 4.47 -6.36
N ARG A 157 13.08 4.46 -5.48
CA ARG A 157 12.07 5.52 -5.48
C ARG A 157 12.63 6.91 -5.63
N VAL A 158 11.93 7.70 -6.43
CA VAL A 158 12.32 9.07 -6.66
C VAL A 158 11.48 9.89 -5.68
N CYS A 159 12.03 10.14 -4.50
CA CYS A 159 11.35 10.89 -3.45
C CYS A 159 10.45 12.04 -3.88
N ILE A 160 9.18 11.98 -3.49
CA ILE A 160 8.22 13.03 -3.80
C ILE A 160 7.94 13.78 -2.48
N ARG A 161 8.45 14.99 -2.34
CA ARG A 161 8.21 15.75 -1.12
C ARG A 161 7.46 17.04 -1.45
N PRO A 162 6.12 16.90 -1.68
CA PRO A 162 5.27 18.05 -2.02
C PRO A 162 5.49 19.28 -1.13
N ARG A 163 5.76 20.42 -1.78
CA ARG A 163 5.95 21.68 -1.09
C ARG A 163 4.61 22.38 -1.12
N ASN A 164 3.69 21.81 -1.88
CA ASN A 164 2.33 22.35 -2.00
C ASN A 164 1.38 21.34 -2.62
N GLU A 165 0.12 21.74 -2.72
CA GLU A 165 -0.96 20.93 -3.25
C GLU A 165 -0.83 20.34 -4.67
N HIS A 166 -0.17 21.06 -5.57
CA HIS A 166 -0.02 20.59 -6.94
C HIS A 166 1.13 19.60 -7.10
N GLU A 167 1.84 19.33 -6.01
CA GLU A 167 2.97 18.40 -6.03
C GLU A 167 2.65 17.02 -5.40
N THR A 168 1.48 16.88 -4.80
CA THR A 168 1.07 15.62 -4.16
C THR A 168 0.89 14.54 -5.22
N LEU A 169 0.70 13.30 -4.78
CA LEU A 169 0.52 12.19 -5.71
C LEU A 169 -0.85 12.22 -6.37
N LEU A 170 -1.87 12.61 -5.61
CA LEU A 170 -3.23 12.68 -6.14
C LEU A 170 -3.38 13.84 -7.10
N ALA A 171 -2.67 14.93 -6.85
CA ALA A 171 -2.72 16.11 -7.71
C ALA A 171 -1.98 15.85 -9.01
N ARG A 172 -0.82 15.20 -8.93
CA ARG A 172 -0.06 14.87 -10.12
C ARG A 172 -0.84 13.86 -10.94
N TRP A 173 -1.48 12.93 -10.24
CA TRP A 173 -2.24 11.91 -10.93
C TRP A 173 -3.35 12.56 -11.74
N GLN A 174 -4.07 13.47 -11.12
CA GLN A 174 -5.19 14.15 -11.77
C GLN A 174 -4.78 15.15 -12.85
N ASN A 175 -3.56 15.65 -12.77
CA ASN A 175 -3.06 16.62 -13.75
C ASN A 175 -2.25 15.94 -14.83
N LYS A 176 -2.14 14.62 -14.74
CA LYS A 176 -1.40 13.84 -15.73
C LYS A 176 0.09 14.16 -15.82
N ASN A 177 0.74 14.41 -14.68
CA ASN A 177 2.17 14.68 -14.67
C ASN A 177 2.84 13.33 -14.40
N THR A 178 2.66 12.43 -15.36
CA THR A 178 3.16 11.06 -15.34
C THR A 178 4.67 10.84 -15.25
N GLU A 179 5.44 11.92 -15.20
CA GLU A 179 6.89 11.80 -15.15
C GLU A 179 7.45 10.95 -13.98
N SER A 180 7.42 11.49 -12.76
CA SER A 180 7.96 10.79 -11.61
C SER A 180 7.00 9.91 -10.83
N ILE A 181 5.85 9.57 -11.42
CA ILE A 181 4.92 8.70 -10.73
C ILE A 181 4.71 7.39 -11.49
N ILE A 182 3.92 6.50 -10.88
CA ILE A 182 3.58 5.20 -11.46
C ILE A 182 2.12 4.90 -11.13
N GLU A 183 1.30 4.82 -12.17
CA GLU A 183 -0.12 4.59 -12.01
C GLU A 183 -0.47 3.12 -12.06
N LEU A 184 -0.85 2.57 -10.91
CA LEU A 184 -1.24 1.17 -10.84
C LEU A 184 -2.75 1.11 -10.70
N GLN A 185 -3.29 -0.10 -10.82
CA GLN A 185 -4.73 -0.27 -10.69
C GLN A 185 -4.98 -1.70 -10.33
N ASN A 186 -6.20 -1.97 -9.89
CA ASN A 186 -6.59 -3.32 -9.53
C ASN A 186 -6.80 -4.06 -10.84
N LYS A 187 -6.53 -5.36 -10.83
CA LYS A 187 -6.73 -6.16 -12.03
C LYS A 187 -8.23 -6.41 -12.19
N THR A 188 -8.72 -6.24 -13.41
CA THR A 188 -10.15 -6.43 -13.66
C THR A 188 -10.61 -7.88 -13.45
N PRO A 189 -11.55 -8.09 -12.52
CA PRO A 189 -12.02 -9.47 -12.33
C PRO A 189 -12.99 -9.75 -13.48
N VAL A 190 -13.14 -11.02 -13.85
CA VAL A 190 -14.04 -11.38 -14.94
C VAL A 190 -15.19 -12.22 -14.43
N TRP A 191 -16.38 -11.96 -14.96
CA TRP A 191 -17.55 -12.71 -14.52
C TRP A 191 -17.40 -14.21 -14.79
N ASN A 192 -17.75 -15.01 -13.78
CA ASN A 192 -17.69 -16.46 -13.88
C ASN A 192 -19.13 -16.97 -13.90
N ASP A 193 -19.49 -17.79 -14.89
CA ASP A 193 -20.85 -18.30 -15.02
C ASP A 193 -21.20 -19.30 -13.92
N ASP A 194 -20.25 -20.15 -13.58
CA ASP A 194 -20.47 -21.17 -12.55
C ASP A 194 -20.65 -20.56 -11.16
N THR A 195 -19.89 -19.51 -10.85
CA THR A 195 -19.97 -18.87 -9.54
C THR A 195 -21.03 -17.79 -9.49
N GLU A 196 -21.40 -17.26 -10.65
CA GLU A 196 -22.39 -16.19 -10.73
C GLU A 196 -21.83 -15.02 -9.94
N SER A 197 -20.56 -14.74 -10.15
CA SER A 197 -19.88 -13.68 -9.42
C SER A 197 -18.62 -13.25 -10.14
N TYR A 198 -18.27 -11.98 -10.04
CA TYR A 198 -17.04 -11.49 -10.65
C TYR A 198 -15.92 -12.17 -9.85
N VAL A 199 -14.92 -12.68 -10.55
CA VAL A 199 -13.86 -13.40 -9.88
C VAL A 199 -12.45 -13.04 -10.32
N LEU A 200 -11.49 -13.32 -9.45
CA LEU A 200 -10.08 -13.09 -9.72
C LEU A 200 -9.43 -14.46 -9.58
N ASN A 201 -8.24 -14.60 -10.14
CA ASN A 201 -7.52 -15.86 -10.08
C ASN A 201 -6.27 -15.73 -9.21
N PHE A 202 -6.38 -16.18 -7.96
CA PHE A 202 -5.25 -16.13 -7.04
C PHE A 202 -4.48 -17.44 -7.10
N HIS A 203 -3.44 -17.46 -7.92
CA HIS A 203 -2.60 -18.65 -8.10
C HIS A 203 -3.43 -19.83 -8.60
N GLY A 204 -4.35 -19.56 -9.51
CA GLY A 204 -5.18 -20.61 -10.08
C GLY A 204 -6.54 -20.80 -9.43
N ARG A 205 -6.68 -20.33 -8.19
CA ARG A 205 -7.92 -20.47 -7.44
C ARG A 205 -8.94 -19.35 -7.65
N VAL A 206 -10.13 -19.71 -8.12
CA VAL A 206 -11.23 -18.77 -8.34
C VAL A 206 -11.53 -18.00 -7.05
N THR A 207 -11.28 -16.70 -7.06
CA THR A 207 -11.50 -15.88 -5.88
C THR A 207 -12.54 -14.80 -6.10
N GLN A 208 -13.56 -14.77 -5.23
CA GLN A 208 -14.63 -13.79 -5.31
C GLN A 208 -14.09 -12.37 -5.17
N ALA A 209 -14.24 -11.57 -6.22
CA ALA A 209 -13.76 -10.20 -6.19
C ALA A 209 -14.59 -9.36 -5.23
N SER A 210 -13.89 -8.61 -4.39
CA SER A 210 -14.52 -7.73 -3.41
C SER A 210 -13.44 -6.74 -3.02
N VAL A 211 -13.72 -5.89 -2.04
CA VAL A 211 -12.72 -4.93 -1.61
C VAL A 211 -11.72 -5.67 -0.70
N LYS A 212 -12.08 -6.89 -0.33
CA LYS A 212 -11.26 -7.73 0.55
C LYS A 212 -10.35 -8.72 -0.20
N ASN A 213 -10.56 -8.82 -1.51
CA ASN A 213 -9.76 -9.71 -2.34
C ASN A 213 -9.45 -8.95 -3.62
N PHE A 214 -8.20 -8.57 -3.79
CA PHE A 214 -7.83 -7.84 -4.99
C PHE A 214 -6.37 -7.98 -5.35
N GLN A 215 -6.06 -7.62 -6.59
CA GLN A 215 -4.72 -7.67 -7.11
C GLN A 215 -4.39 -6.33 -7.74
N ILE A 216 -3.16 -5.85 -7.54
CA ILE A 216 -2.74 -4.59 -8.11
C ILE A 216 -1.75 -4.86 -9.24
N ILE A 217 -2.01 -4.25 -10.40
CA ILE A 217 -1.16 -4.42 -11.57
C ILE A 217 -0.98 -3.07 -12.23
N HIS A 218 -0.33 -3.10 -13.39
CA HIS A 218 -0.14 -1.90 -14.20
C HIS A 218 -0.95 -2.18 -15.47
N GLY A 219 -1.90 -1.30 -15.79
CA GLY A 219 -2.74 -1.49 -16.96
C GLY A 219 -2.06 -2.11 -18.18
N ASN A 220 -0.87 -1.60 -18.52
CA ASN A 220 -0.09 -2.06 -19.67
C ASN A 220 0.46 -3.48 -19.54
N ASP A 221 0.21 -4.11 -18.40
CA ASP A 221 0.72 -5.46 -18.17
C ASP A 221 -0.05 -6.20 -17.07
N PRO A 222 -1.31 -6.54 -17.34
CA PRO A 222 -2.19 -7.25 -16.41
C PRO A 222 -1.75 -8.65 -15.99
N ASP A 223 -0.58 -9.08 -16.43
CA ASP A 223 -0.09 -10.40 -16.07
C ASP A 223 0.89 -10.32 -14.91
N TYR A 224 1.43 -9.13 -14.69
CA TYR A 224 2.39 -8.93 -13.61
C TYR A 224 1.68 -8.43 -12.35
N ILE A 225 1.55 -9.31 -11.36
CA ILE A 225 0.90 -8.98 -10.11
C ILE A 225 1.81 -8.24 -9.13
N VAL A 226 1.66 -6.91 -9.11
CA VAL A 226 2.44 -6.06 -8.23
C VAL A 226 2.05 -6.31 -6.77
N MET A 227 0.76 -6.55 -6.54
CA MET A 227 0.25 -6.82 -5.19
C MET A 227 -1.00 -7.71 -5.23
N GLN A 228 -1.07 -8.65 -4.30
CA GLN A 228 -2.20 -9.57 -4.22
C GLN A 228 -2.69 -9.63 -2.78
N PHE A 229 -3.91 -9.16 -2.55
CA PHE A 229 -4.50 -9.14 -1.22
C PHE A 229 -5.77 -9.97 -1.11
N GLY A 230 -5.86 -10.80 -0.08
CA GLY A 230 -7.03 -11.62 0.11
C GLY A 230 -7.25 -12.11 1.54
N ARG A 231 -8.50 -12.28 1.91
CA ARG A 231 -8.84 -12.73 3.24
C ARG A 231 -8.79 -14.24 3.29
N VAL A 232 -8.24 -14.81 4.36
CA VAL A 232 -8.18 -16.26 4.49
C VAL A 232 -8.80 -16.69 5.82
N ALA A 233 -9.50 -15.75 6.45
CA ALA A 233 -10.18 -15.98 7.73
C ALA A 233 -10.82 -14.69 8.21
N GLU A 234 -11.66 -14.81 9.22
CA GLU A 234 -12.35 -13.68 9.83
C GLU A 234 -11.39 -12.50 10.03
N ASP A 235 -10.29 -12.76 10.72
CA ASP A 235 -9.31 -11.72 11.00
C ASP A 235 -7.92 -12.00 10.41
N VAL A 236 -7.85 -12.68 9.29
CA VAL A 236 -6.57 -12.98 8.67
C VAL A 236 -6.59 -12.85 7.14
N PHE A 237 -5.58 -12.16 6.61
CA PHE A 237 -5.47 -11.94 5.18
C PHE A 237 -4.04 -12.22 4.74
N THR A 238 -3.86 -12.49 3.45
CA THR A 238 -2.53 -12.73 2.90
C THR A 238 -2.21 -11.55 2.00
N MET A 239 -0.98 -11.08 2.07
CA MET A 239 -0.55 -9.95 1.26
C MET A 239 0.80 -10.24 0.62
N ASP A 240 0.84 -10.28 -0.70
CA ASP A 240 2.10 -10.52 -1.39
C ASP A 240 2.39 -9.29 -2.22
N TYR A 241 3.68 -8.94 -2.37
CA TYR A 241 4.02 -7.78 -3.16
C TYR A 241 5.35 -7.92 -3.91
N ASN A 242 5.41 -7.26 -5.06
CA ASN A 242 6.60 -7.27 -5.93
C ASN A 242 7.01 -5.84 -6.29
N TYR A 243 8.11 -5.73 -7.02
CA TYR A 243 8.66 -4.45 -7.47
C TYR A 243 7.56 -3.72 -8.24
N PRO A 244 7.47 -2.40 -8.12
CA PRO A 244 8.28 -1.46 -7.32
C PRO A 244 7.91 -1.26 -5.85
N LEU A 245 6.86 -1.92 -5.38
CA LEU A 245 6.39 -1.76 -4.01
C LEU A 245 7.30 -2.24 -2.88
N CYS A 246 7.14 -1.62 -1.71
CA CYS A 246 7.88 -1.99 -0.50
C CYS A 246 6.78 -2.38 0.50
N ALA A 247 7.16 -2.97 1.62
CA ALA A 247 6.15 -3.40 2.59
C ALA A 247 5.27 -2.29 3.17
N LEU A 248 5.82 -1.09 3.33
CA LEU A 248 5.04 0.03 3.89
C LEU A 248 3.89 0.50 2.97
N GLN A 249 4.18 0.58 1.66
CA GLN A 249 3.20 0.97 0.67
C GLN A 249 2.09 -0.09 0.56
N ALA A 250 2.50 -1.34 0.38
CA ALA A 250 1.57 -2.46 0.24
C ALA A 250 0.69 -2.58 1.47
N PHE A 251 1.30 -2.55 2.64
CA PHE A 251 0.56 -2.65 3.90
C PHE A 251 -0.42 -1.49 4.02
N ALA A 252 0.02 -0.29 3.65
CA ALA A 252 -0.85 0.89 3.74
C ALA A 252 -1.97 0.84 2.71
N ILE A 253 -1.71 0.23 1.55
CA ILE A 253 -2.72 0.09 0.50
C ILE A 253 -3.79 -0.84 1.01
N ALA A 254 -3.37 -1.92 1.67
CA ALA A 254 -4.28 -2.92 2.23
C ALA A 254 -5.10 -2.36 3.40
N LEU A 255 -4.53 -1.47 4.20
CA LEU A 255 -5.28 -0.87 5.31
C LEU A 255 -6.34 0.09 4.78
N SER A 256 -6.09 0.66 3.61
CA SER A 256 -7.03 1.58 3.00
C SER A 256 -8.28 0.84 2.58
N SER A 257 -8.14 -0.45 2.32
CA SER A 257 -9.26 -1.28 1.90
C SER A 257 -10.14 -1.63 3.09
N PHE A 258 -9.60 -1.51 4.31
CA PHE A 258 -10.34 -1.79 5.53
C PHE A 258 -11.15 -0.55 5.87
N ASP A 259 -10.52 0.59 5.64
CA ASP A 259 -11.08 1.91 5.92
C ASP A 259 -11.92 2.52 4.80
N SER A 260 -11.97 1.87 3.63
CA SER A 260 -12.71 2.42 2.49
C SER A 260 -14.23 2.50 2.65
N LYS A 261 -14.88 3.11 1.67
CA LYS A 261 -16.33 3.29 1.63
C LYS A 261 -17.00 1.93 1.49
N LEU A 262 -16.23 0.95 1.05
CA LEU A 262 -16.73 -0.40 0.86
C LEU A 262 -15.91 -1.40 1.67
C1 IBS B . -0.60 16.96 12.00
C2 IBS B . -2.00 17.40 11.43
C3 IBS B . -2.44 16.30 10.41
C4 IBS B . -2.48 14.83 10.92
C5 IBS B . -1.04 14.50 11.50
C6 IBS B . -0.70 15.50 12.66
O1 IBS B . 0.73 17.88 11.94
O2 IBS B . -2.87 17.52 12.60
O3 IBS B . -3.70 16.66 9.92
O4 IBS B . -2.87 13.93 9.84
O5 IBS B . -1.08 13.12 11.96
O6 IBS B . 0.56 15.16 13.16
P1 IBS B . 1.40 17.73 10.69
O11 IBS B . 0.47 17.19 9.56
O12 IBS B . 2.55 16.66 10.69
C21 IBS B . 3.46 16.11 11.69
C24 IBS B . 4.84 16.73 11.48
O29 IBS B . 4.77 17.76 10.51
C25 IBS B . 5.87 15.74 10.98
O26 IBS B . 7.07 15.79 11.70
O13 IBS B . 1.86 19.07 10.40
P4 IBS B . -2.86 14.00 8.19
O41 IBS B . -3.73 15.18 7.51
O42 IBS B . -3.37 12.62 7.62
O43 IBS B . -1.30 14.19 7.86
P5 IBS B . 0.05 11.96 11.98
O51 IBS B . 0.99 12.16 10.74
O52 IBS B . 1.06 11.99 13.24
O53 IBS B . -0.75 10.52 12.00
#